data_2VFW
#
_entry.id   2VFW
#
_cell.length_a   58.878
_cell.length_b   73.681
_cell.length_c   103.227
_cell.angle_alpha   90.00
_cell.angle_beta   90.00
_cell.angle_gamma   90.00
#
_symmetry.space_group_name_H-M   'P 21 21 21'
#
loop_
_entity.id
_entity.type
_entity.pdbx_description
1 polymer 'SHORT-CHAIN Z-ISOPRENYL DIPHOSPHATE SYNTHETASE'
2 non-polymer 'SULFATE ION'
3 water water
#
_entity_poly.entity_id   1
_entity_poly.type   'polypeptide(L)'
_entity_poly.pdbx_seq_one_letter_code
;DLPRHIAVLCDGNRRWARSAGYDDVSYGYRMGAAKIAEMLRWCHEAGIELATVYLLSTENLQRDPDELAALIEIITDVVE
EICAPANHWSVRTVGDLGLIGEEPARRLRGAVESTPEVASFHVNVAVGYGGRREIVDAVRALLSKELANGATAEELVDAV
TVEGISENLYTSGQPDPDLVIRTSGEQRLSGFLLWQSAYSEMWFTEAHWPAFRHVDFLRALRDYSAR
;
_entity_poly.pdbx_strand_id   A,B
#
loop_
_chem_comp.id
_chem_comp.type
_chem_comp.name
_chem_comp.formula
SO4 non-polymer 'SULFATE ION' 'O4 S -2'
#
# COMPACT_ATOMS: atom_id res chain seq x y z
N ASP A 1 2.39 -21.47 3.15
CA ASP A 1 1.86 -22.08 4.41
C ASP A 1 2.02 -21.13 5.60
N LEU A 2 3.27 -20.77 5.90
CA LEU A 2 3.62 -19.97 7.06
C LEU A 2 4.43 -18.76 6.61
N PRO A 3 4.11 -17.55 7.15
CA PRO A 3 4.84 -16.33 6.78
C PRO A 3 6.32 -16.36 7.15
N ARG A 4 7.14 -15.75 6.32
CA ARG A 4 8.53 -15.48 6.62
C ARG A 4 8.56 -14.22 7.48
N HIS A 5 7.77 -13.23 7.06
CA HIS A 5 7.73 -11.93 7.65
C HIS A 5 6.29 -11.54 7.94
N ILE A 6 6.02 -11.31 9.21
CA ILE A 6 4.76 -10.77 9.68
C ILE A 6 4.98 -9.35 10.18
N ALA A 7 4.18 -8.42 9.66
CA ALA A 7 4.16 -7.04 10.11
C ALA A 7 2.85 -6.79 10.85
N VAL A 8 2.94 -6.05 11.96
CA VAL A 8 1.81 -5.82 12.87
C VAL A 8 1.58 -4.31 13.10
N LEU A 9 0.32 -3.88 13.04
CA LEU A 9 -0.10 -2.50 13.37
C LEU A 9 -1.00 -2.46 14.59
N CYS A 10 -0.49 -1.82 15.63
CA CYS A 10 -1.05 -1.85 16.97
C CYS A 10 -1.98 -0.64 17.30
N ASP A 11 -3.13 -0.57 16.62
CA ASP A 11 -4.17 0.44 16.83
C ASP A 11 -5.13 0.12 17.98
N GLY A 12 -5.67 1.16 18.60
CA GLY A 12 -6.80 1.00 19.52
C GLY A 12 -6.53 1.25 20.99
N ASN A 13 -5.28 1.58 21.32
CA ASN A 13 -4.83 1.69 22.69
C ASN A 13 -5.66 2.65 23.54
N ARG A 14 -5.79 3.88 23.04
CA ARG A 14 -6.51 4.91 23.72
C ARG A 14 -7.97 4.52 23.84
N ARG A 15 -8.58 4.13 22.72
CA ARG A 15 -9.95 3.60 22.69
C ARG A 15 -10.15 2.42 23.67
N TRP A 16 -9.21 1.50 23.74
CA TRP A 16 -9.26 0.40 24.70
C TRP A 16 -9.20 0.91 26.14
N ALA A 17 -8.32 1.86 26.40
CA ALA A 17 -8.19 2.41 27.75
C ALA A 17 -9.46 3.15 28.18
N ARG A 18 -10.06 3.89 27.25
CA ARG A 18 -11.31 4.60 27.52
C ARG A 18 -12.49 3.62 27.61
N SER A 19 -12.38 2.49 26.92
CA SER A 19 -13.41 1.47 27.05
C SER A 19 -13.38 0.79 28.42
N ALA A 20 -12.18 0.58 28.97
CA ALA A 20 -12.05 0.04 30.34
C ALA A 20 -12.37 1.02 31.51
N GLY A 21 -12.44 2.31 31.23
CA GLY A 21 -12.88 3.29 32.25
C GLY A 21 -11.78 4.14 32.88
N TYR A 22 -10.57 4.07 32.31
CA TYR A 22 -9.42 4.82 32.80
C TYR A 22 -9.41 6.28 32.31
N ASP A 23 -9.02 7.19 33.22
CA ASP A 23 -8.95 8.63 32.93
C ASP A 23 -7.60 8.89 32.26
N ASP A 24 -6.77 7.85 32.20
CA ASP A 24 -5.42 8.00 31.72
C ASP A 24 -5.18 7.01 30.60
N VAL A 25 -5.03 7.55 29.40
CA VAL A 25 -4.94 6.70 28.22
C VAL A 25 -3.63 5.91 28.19
N SER A 26 -2.70 6.23 29.10
CA SER A 26 -1.40 5.52 29.17
C SER A 26 -1.49 4.06 29.65
N TYR A 27 -2.61 3.70 30.29
CA TYR A 27 -2.92 2.31 30.62
C TYR A 27 -3.01 1.45 29.33
N GLY A 28 -3.68 1.97 28.30
CA GLY A 28 -3.76 1.33 26.99
C GLY A 28 -2.40 1.09 26.35
N TYR A 29 -1.56 2.12 26.31
CA TYR A 29 -0.20 1.95 25.81
C TYR A 29 0.62 0.95 26.60
N ARG A 30 0.53 1.00 27.92
CA ARG A 30 1.26 0.04 28.76
C ARG A 30 0.78 -1.40 28.50
N MET A 31 -0.53 -1.55 28.27
CA MET A 31 -1.11 -2.83 27.91
C MET A 31 -0.76 -3.29 26.47
N GLY A 32 -0.69 -2.34 25.53
CA GLY A 32 -0.23 -2.62 24.18
C GLY A 32 1.19 -3.19 24.18
N ALA A 33 2.07 -2.53 24.93
CA ALA A 33 3.46 -2.94 25.17
C ALA A 33 3.61 -4.35 25.73
N ALA A 34 2.77 -4.69 26.71
CA ALA A 34 2.70 -6.08 27.15
C ALA A 34 2.35 -6.97 25.98
N LYS A 35 1.35 -6.58 25.18
CA LYS A 35 0.92 -7.41 24.05
C LYS A 35 2.00 -7.60 22.98
N ILE A 36 2.81 -6.58 22.76
CA ILE A 36 3.94 -6.68 21.80
C ILE A 36 4.93 -7.76 22.24
N ALA A 37 5.33 -7.71 23.50
CA ALA A 37 6.25 -8.68 24.06
C ALA A 37 5.71 -10.11 23.83
N GLU A 38 4.46 -10.34 24.22
CA GLU A 38 3.78 -11.63 23.96
C GLU A 38 3.71 -12.00 22.48
N MET A 39 3.28 -11.07 21.62
CA MET A 39 3.22 -11.31 20.16
C MET A 39 4.53 -11.83 19.57
N LEU A 40 5.63 -11.21 19.99
CA LEU A 40 6.93 -11.52 19.45
C LEU A 40 7.34 -12.95 19.82
N ARG A 41 7.01 -13.38 21.04
CA ARG A 41 7.25 -14.75 21.50
C ARG A 41 6.49 -15.73 20.63
N TRP A 42 5.22 -15.43 20.41
CA TRP A 42 4.37 -16.22 19.52
C TRP A 42 4.97 -16.38 18.14
N CYS A 43 5.36 -15.26 17.52
CA CYS A 43 5.96 -15.33 16.19
C CYS A 43 7.18 -16.28 16.21
N HIS A 44 8.03 -16.10 17.21
CA HIS A 44 9.30 -16.82 17.33
C HIS A 44 9.01 -18.31 17.40
N GLU A 45 8.24 -18.73 18.41
CA GLU A 45 7.76 -20.10 18.57
C GLU A 45 7.00 -20.69 17.38
N ALA A 46 6.23 -19.87 16.66
CA ALA A 46 5.51 -20.37 15.47
C ALA A 46 6.45 -20.71 14.31
N GLY A 47 7.62 -20.07 14.26
CA GLY A 47 8.61 -20.33 13.20
C GLY A 47 8.85 -19.15 12.28
N ILE A 48 8.19 -18.03 12.55
CA ILE A 48 8.33 -16.79 11.77
C ILE A 48 9.77 -16.23 11.87
N GLU A 49 10.35 -15.88 10.73
CA GLU A 49 11.74 -15.40 10.66
C GLU A 49 11.89 -13.90 10.97
N LEU A 50 10.96 -13.09 10.48
CA LEU A 50 11.03 -11.65 10.77
C LEU A 50 9.68 -11.11 11.23
N ALA A 51 9.71 -10.37 12.32
CA ALA A 51 8.55 -9.61 12.80
C ALA A 51 8.79 -8.11 12.72
N THR A 52 7.83 -7.37 12.17
CA THR A 52 7.87 -5.91 12.19
C THR A 52 6.74 -5.33 13.02
N VAL A 53 7.11 -4.57 14.03
CA VAL A 53 6.12 -3.98 14.90
C VAL A 53 6.10 -2.45 14.74
N TYR A 54 4.91 -1.89 14.64
CA TYR A 54 4.73 -0.47 14.38
C TYR A 54 4.52 0.28 15.70
N LEU A 55 5.61 0.86 16.24
CA LEU A 55 5.56 1.46 17.56
C LEU A 55 5.15 2.92 17.60
N LEU A 56 5.69 3.73 16.68
CA LEU A 56 5.45 5.17 16.69
C LEU A 56 5.51 5.77 15.28
N SER A 57 4.39 6.35 14.87
CA SER A 57 4.29 6.93 13.53
C SER A 57 4.51 8.43 13.59
N THR A 58 4.81 9.03 12.43
CA THR A 58 4.98 10.47 12.38
C THR A 58 3.67 11.20 12.74
N GLU A 59 2.51 10.63 12.41
CA GLU A 59 1.20 11.16 12.85
C GLU A 59 1.19 11.34 14.36
N ASN A 60 1.47 10.25 15.08
CA ASN A 60 1.55 10.19 16.55
C ASN A 60 2.46 11.19 17.21
N LEU A 61 3.46 11.64 16.46
CA LEU A 61 4.41 12.63 16.96
C LEU A 61 3.81 14.01 17.10
N GLN A 62 2.58 14.19 16.63
CA GLN A 62 1.92 15.49 16.70
C GLN A 62 1.04 15.60 17.95
N ARG A 63 1.01 14.55 18.76
CA ARG A 63 0.22 14.53 20.00
C ARG A 63 0.58 15.66 20.96
N ASP A 64 -0.27 15.82 21.98
CA ASP A 64 0.09 16.48 23.21
C ASP A 64 1.48 16.03 23.68
N PRO A 65 2.39 16.99 23.94
CA PRO A 65 3.80 16.70 24.29
C PRO A 65 3.99 15.86 25.56
N ASP A 66 3.07 16.00 26.53
CA ASP A 66 3.16 15.29 27.80
C ASP A 66 2.65 13.88 27.67
N GLU A 67 1.73 13.67 26.74
CA GLU A 67 1.26 12.33 26.42
C GLU A 67 2.25 11.62 25.52
N LEU A 68 2.85 12.36 24.59
CA LEU A 68 3.88 11.79 23.73
C LEU A 68 5.12 11.44 24.54
N ALA A 69 5.54 12.37 25.40
CA ALA A 69 6.61 12.11 26.37
C ALA A 69 6.42 10.75 27.04
N ALA A 70 5.22 10.53 27.59
CA ALA A 70 4.86 9.28 28.28
C ALA A 70 4.73 8.07 27.35
N LEU A 71 4.27 8.29 26.13
CA LEU A 71 4.22 7.21 25.15
C LEU A 71 5.64 6.76 24.84
N ILE A 72 6.46 7.67 24.36
CA ILE A 72 7.87 7.36 24.05
C ILE A 72 8.60 6.64 25.20
N GLU A 73 8.34 7.03 26.45
CA GLU A 73 8.85 6.26 27.59
C GLU A 73 8.43 4.79 27.52
N ILE A 74 7.16 4.54 27.19
CA ILE A 74 6.62 3.19 27.11
C ILE A 74 7.29 2.45 25.95
N ILE A 75 7.39 3.10 24.79
CA ILE A 75 8.09 2.53 23.63
C ILE A 75 9.53 2.16 23.95
N THR A 76 10.24 3.04 24.66
CA THR A 76 11.62 2.77 25.06
C THR A 76 11.74 1.51 25.93
N ASP A 77 10.82 1.33 26.87
CA ASP A 77 10.86 0.19 27.77
C ASP A 77 10.54 -1.08 26.99
N VAL A 78 9.61 -0.94 26.06
CA VAL A 78 9.27 -2.00 25.13
C VAL A 78 10.49 -2.49 24.38
N VAL A 79 11.27 -1.57 23.82
CA VAL A 79 12.44 -1.97 23.02
C VAL A 79 13.58 -2.52 23.90
N GLU A 80 13.74 -1.93 25.07
CA GLU A 80 14.72 -2.41 26.04
C GLU A 80 14.42 -3.85 26.46
N GLU A 81 13.14 -4.15 26.72
CA GLU A 81 12.68 -5.53 26.97
C GLU A 81 12.88 -6.47 25.76
N ILE A 82 12.54 -6.01 24.56
CA ILE A 82 12.74 -6.76 23.32
C ILE A 82 14.22 -7.18 23.12
N CYS A 83 15.13 -6.28 23.50
CA CYS A 83 16.57 -6.48 23.33
C CYS A 83 17.25 -7.21 24.49
N ALA A 84 16.46 -7.62 25.49
CA ALA A 84 16.98 -8.47 26.57
C ALA A 84 17.81 -9.61 25.98
N PRO A 85 19.07 -9.79 26.45
CA PRO A 85 20.00 -10.75 25.81
C PRO A 85 19.61 -12.22 26.04
N ALA A 86 18.67 -12.45 26.94
CA ALA A 86 18.08 -13.79 27.12
C ALA A 86 17.44 -14.29 25.82
N ASN A 87 16.86 -13.35 25.06
CA ASN A 87 16.12 -13.67 23.84
C ASN A 87 16.99 -14.09 22.68
N HIS A 88 18.20 -13.52 22.59
CA HIS A 88 19.07 -13.68 21.42
C HIS A 88 18.34 -13.30 20.12
N TRP A 89 17.49 -12.27 20.18
CA TRP A 89 16.84 -11.75 18.97
C TRP A 89 17.67 -10.66 18.32
N SER A 90 17.62 -10.64 16.99
CA SER A 90 18.28 -9.62 16.19
C SER A 90 17.33 -8.45 16.03
N VAL A 91 17.78 -7.26 16.40
CA VAL A 91 16.91 -6.09 16.31
C VAL A 91 17.52 -4.95 15.45
N ARG A 92 16.71 -4.48 14.51
CA ARG A 92 16.95 -3.26 13.74
C ARG A 92 15.85 -2.24 14.11
N THR A 93 16.15 -0.94 14.03
CA THR A 93 15.11 0.10 14.08
C THR A 93 14.79 0.65 12.69
N VAL A 94 13.51 0.97 12.46
CA VAL A 94 12.99 1.39 11.17
C VAL A 94 12.28 2.76 11.35
N GLY A 95 12.90 3.84 10.88
CA GLY A 95 12.35 5.20 11.07
C GLY A 95 13.39 6.20 11.50
N ASP A 96 12.98 7.45 11.75
CA ASP A 96 13.91 8.49 12.17
C ASP A 96 13.98 8.54 13.69
N LEU A 97 15.08 8.14 14.29
CA LEU A 97 15.17 8.29 15.75
C LEU A 97 15.41 9.74 16.11
N GLY A 98 15.75 10.56 15.12
CA GLY A 98 15.96 12.00 15.29
C GLY A 98 14.68 12.80 15.51
N LEU A 99 13.55 12.13 15.68
CA LEU A 99 12.29 12.82 15.87
C LEU A 99 11.70 12.67 17.27
N ILE A 100 12.31 11.79 18.08
CA ILE A 100 11.75 11.35 19.37
C ILE A 100 12.40 11.93 20.65
N GLY A 101 13.36 12.83 20.49
CA GLY A 101 14.17 13.30 21.60
C GLY A 101 15.47 12.53 21.74
N GLU A 102 16.50 13.20 22.26
CA GLU A 102 17.85 12.64 22.36
C GLU A 102 18.03 11.49 23.37
N GLU A 103 17.42 11.61 24.55
CA GLU A 103 17.55 10.57 25.58
C GLU A 103 16.89 9.26 25.17
N PRO A 104 15.66 9.30 24.62
CA PRO A 104 15.06 8.11 24.03
C PRO A 104 15.83 7.59 22.82
N ALA A 105 16.27 8.50 21.94
CA ALA A 105 17.09 8.10 20.79
C ALA A 105 18.35 7.32 21.23
N ARG A 106 19.08 7.84 22.21
CA ARG A 106 20.26 7.18 22.80
C ARG A 106 19.95 5.82 23.44
N ARG A 107 18.93 5.78 24.29
CA ARG A 107 18.53 4.55 24.98
C ARG A 107 18.13 3.46 24.01
N LEU A 108 17.30 3.82 23.03
CA LEU A 108 16.81 2.89 22.00
C LEU A 108 17.93 2.32 21.16
N ARG A 109 18.79 3.21 20.67
CA ARG A 109 19.89 2.83 19.80
C ARG A 109 20.92 1.95 20.49
N GLY A 110 21.17 2.19 21.76
CA GLY A 110 22.07 1.36 22.56
C GLY A 110 21.51 -0.01 22.96
N ALA A 111 20.19 -0.15 22.97
CA ALA A 111 19.55 -1.41 23.27
C ALA A 111 19.65 -2.31 22.06
N VAL A 112 19.43 -1.72 20.89
CA VAL A 112 19.41 -2.40 19.60
C VAL A 112 20.81 -2.82 19.14
N GLU A 113 21.77 -1.89 19.18
CA GLU A 113 23.15 -2.19 18.80
C GLU A 113 23.78 -3.29 19.66
N SER A 114 23.21 -3.50 20.85
CA SER A 114 23.65 -4.56 21.74
C SER A 114 23.17 -5.95 21.31
N THR A 115 22.12 -6.03 20.49
CA THR A 115 21.60 -7.30 19.98
C THR A 115 22.47 -7.90 18.87
N PRO A 116 22.51 -9.26 18.76
CA PRO A 116 23.32 -9.91 17.73
C PRO A 116 22.88 -9.60 16.30
N GLU A 117 23.81 -9.69 15.35
CA GLU A 117 23.52 -9.45 13.94
C GLU A 117 22.96 -10.71 13.26
N VAL A 118 23.46 -11.86 13.69
CA VAL A 118 23.05 -13.16 13.17
C VAL A 118 22.23 -13.87 14.25
N ALA A 119 20.96 -14.09 13.98
CA ALA A 119 20.05 -14.75 14.91
C ALA A 119 18.97 -15.50 14.14
N SER A 120 18.39 -16.50 14.78
CA SER A 120 17.27 -17.29 14.22
C SER A 120 15.98 -16.47 14.08
N PHE A 121 15.89 -15.36 14.79
CA PHE A 121 14.68 -14.55 14.83
C PHE A 121 15.04 -13.08 14.82
N HIS A 122 14.45 -12.35 13.88
CA HIS A 122 14.71 -10.94 13.67
C HIS A 122 13.46 -10.10 14.00
N VAL A 123 13.66 -8.92 14.59
CA VAL A 123 12.55 -7.99 14.95
C VAL A 123 12.81 -6.57 14.42
N ASN A 124 11.88 -6.01 13.62
CA ASN A 124 11.93 -4.57 13.31
C ASN A 124 10.94 -3.80 14.18
N VAL A 125 11.40 -2.74 14.84
CA VAL A 125 10.53 -1.81 15.58
C VAL A 125 10.43 -0.46 14.87
N ALA A 126 9.21 -0.06 14.53
CA ALA A 126 9.02 1.09 13.69
C ALA A 126 8.71 2.33 14.55
N VAL A 127 9.68 3.24 14.59
CA VAL A 127 9.63 4.37 15.51
C VAL A 127 9.99 5.62 14.74
N GLY A 128 9.07 6.58 14.69
CA GLY A 128 9.29 7.77 13.87
C GLY A 128 9.21 7.45 12.40
N TYR A 129 8.21 6.66 12.04
CA TYR A 129 8.12 6.06 10.70
C TYR A 129 6.94 6.55 9.89
N GLY A 130 7.17 6.69 8.59
CA GLY A 130 6.15 7.09 7.62
C GLY A 130 6.53 6.50 6.28
N GLY A 131 5.55 6.00 5.55
CA GLY A 131 5.76 5.26 4.31
C GLY A 131 6.26 6.00 3.09
N ARG A 132 5.59 7.10 2.77
CA ARG A 132 6.02 7.95 1.66
C ARG A 132 7.34 8.62 1.98
N ARG A 133 7.45 9.11 3.22
CA ARG A 133 8.68 9.71 3.76
C ARG A 133 9.88 8.75 3.71
N GLU A 134 9.62 7.45 3.86
CA GLU A 134 10.67 6.43 3.77
C GLU A 134 11.15 6.22 2.35
N ILE A 135 10.26 6.42 1.38
CA ILE A 135 10.60 6.27 -0.03
C ILE A 135 11.47 7.43 -0.50
N VAL A 136 11.11 8.64 -0.08
CA VAL A 136 11.84 9.87 -0.40
C VAL A 136 13.29 9.78 0.09
N ASP A 137 13.47 9.20 1.29
CA ASP A 137 14.77 9.11 1.96
C ASP A 137 15.65 8.02 1.37
N ALA A 138 15.01 6.95 0.89
CA ALA A 138 15.69 5.90 0.11
C ALA A 138 16.21 6.42 -1.23
N VAL A 139 15.40 7.28 -1.86
CA VAL A 139 15.79 7.93 -3.11
C VAL A 139 17.01 8.85 -2.89
N ARG A 140 16.99 9.62 -1.81
CA ARG A 140 18.06 10.57 -1.51
C ARG A 140 19.33 9.87 -1.04
N ALA A 141 19.19 8.73 -0.37
CA ALA A 141 20.35 7.87 -0.09
C ALA A 141 20.96 7.28 -1.36
N LEU A 142 20.09 6.85 -2.28
CA LEU A 142 20.51 6.31 -3.58
C LEU A 142 21.36 7.33 -4.38
N LEU A 143 20.79 8.51 -4.60
CA LEU A 143 21.44 9.59 -5.37
C LEU A 143 22.68 10.14 -4.71
N SER A 144 22.70 10.11 -3.38
CA SER A 144 23.83 10.55 -2.59
C SER A 144 25.04 9.64 -2.82
N LYS A 145 24.78 8.32 -2.84
CA LYS A 145 25.81 7.31 -3.08
C LYS A 145 26.46 7.43 -4.44
N GLU A 146 25.63 7.58 -5.47
CA GLU A 146 26.11 7.60 -6.86
C GLU A 146 26.80 8.91 -7.23
N LEU A 147 26.43 9.98 -6.54
CA LEU A 147 27.14 11.24 -6.64
C LEU A 147 28.56 11.06 -6.10
N ALA A 148 28.70 10.29 -5.02
CA ALA A 148 29.99 9.97 -4.40
C ALA A 148 30.83 9.03 -5.28
N ASN A 149 30.16 8.27 -6.15
CA ASN A 149 30.86 7.50 -7.20
C ASN A 149 31.20 8.36 -8.40
N GLY A 150 30.96 9.66 -8.28
CA GLY A 150 31.25 10.61 -9.36
C GLY A 150 30.34 10.46 -10.55
N ALA A 151 29.03 10.53 -10.30
CA ALA A 151 28.05 10.51 -11.38
C ALA A 151 27.67 11.93 -11.77
N THR A 152 27.30 12.10 -13.04
CA THR A 152 26.91 13.39 -13.58
C THR A 152 25.45 13.67 -13.26
N ALA A 153 25.04 14.92 -13.46
CA ALA A 153 23.66 15.33 -13.28
C ALA A 153 22.72 14.41 -14.04
N GLU A 154 22.95 14.25 -15.34
CA GLU A 154 22.07 13.44 -16.21
C GLU A 154 22.14 11.94 -15.93
N GLU A 155 23.27 11.48 -15.39
CA GLU A 155 23.40 10.09 -14.92
C GLU A 155 22.54 9.81 -13.70
N LEU A 156 22.33 10.83 -12.86
CA LEU A 156 21.52 10.67 -11.63
C LEU A 156 20.05 10.52 -11.98
N VAL A 157 19.61 11.26 -13.00
CA VAL A 157 18.23 11.27 -13.51
C VAL A 157 17.75 9.87 -13.93
N ASP A 158 18.69 9.05 -14.39
CA ASP A 158 18.37 7.72 -14.90
C ASP A 158 18.70 6.59 -13.91
N ALA A 159 19.47 6.91 -12.87
CA ALA A 159 19.99 5.93 -11.92
C ALA A 159 18.93 5.25 -11.04
N VAL A 160 17.83 5.96 -10.76
CA VAL A 160 16.76 5.44 -9.92
C VAL A 160 16.04 4.24 -10.57
N THR A 161 16.00 3.14 -9.83
CA THR A 161 15.33 1.90 -10.25
C THR A 161 14.49 1.34 -9.10
N VAL A 162 13.63 0.38 -9.42
CA VAL A 162 12.86 -0.34 -8.40
C VAL A 162 13.81 -1.09 -7.46
N GLU A 163 14.78 -1.78 -8.04
CA GLU A 163 15.76 -2.54 -7.27
C GLU A 163 16.70 -1.61 -6.46
N GLY A 164 16.99 -0.42 -7.02
CA GLY A 164 17.76 0.62 -6.34
C GLY A 164 17.07 1.23 -5.13
N ILE A 165 15.75 1.44 -5.20
CA ILE A 165 14.98 1.89 -4.03
C ILE A 165 14.85 0.77 -2.98
N SER A 166 14.60 -0.47 -3.41
CA SER A 166 14.51 -1.63 -2.51
C SER A 166 15.77 -1.82 -1.65
N GLU A 167 16.90 -1.35 -2.15
CA GLU A 167 18.18 -1.43 -1.45
C GLU A 167 18.39 -0.33 -0.40
N ASN A 168 17.70 0.79 -0.56
CA ASN A 168 18.03 1.96 0.25
C ASN A 168 16.98 2.33 1.31
N LEU A 169 16.01 1.45 1.50
CA LEU A 169 15.00 1.61 2.54
C LEU A 169 15.53 1.08 3.88
N TYR A 170 14.81 1.39 4.95
CA TYR A 170 15.11 0.92 6.29
C TYR A 170 15.14 -0.60 6.38
N THR A 171 14.41 -1.27 5.49
CA THR A 171 14.33 -2.74 5.46
C THR A 171 15.31 -3.37 4.46
N SER A 172 16.32 -2.61 4.08
CA SER A 172 17.35 -3.09 3.18
C SER A 172 17.76 -4.54 3.48
N GLY A 173 17.84 -5.35 2.42
CA GLY A 173 18.29 -6.75 2.51
C GLY A 173 17.41 -7.70 3.30
N GLN A 174 16.14 -7.32 3.52
CA GLN A 174 15.19 -8.13 4.28
C GLN A 174 14.04 -8.57 3.38
N PRO A 175 13.41 -9.74 3.70
CA PRO A 175 12.25 -10.19 2.91
C PRO A 175 11.06 -9.26 3.11
N ASP A 176 10.29 -9.03 2.05
CA ASP A 176 9.06 -8.26 2.14
C ASP A 176 8.01 -9.01 2.99
N PRO A 177 7.19 -8.26 3.74
CA PRO A 177 6.10 -8.85 4.52
C PRO A 177 5.15 -9.68 3.69
N ASP A 178 4.76 -10.83 4.24
CA ASP A 178 3.84 -11.74 3.62
C ASP A 178 2.45 -11.40 4.13
N LEU A 179 2.41 -11.10 5.42
CA LEU A 179 1.16 -10.91 6.15
C LEU A 179 1.25 -9.66 6.98
N VAL A 180 0.20 -8.84 6.87
CA VAL A 180 0.10 -7.59 7.61
C VAL A 180 -1.18 -7.59 8.45
N ILE A 181 -1.01 -7.50 9.77
CA ILE A 181 -2.10 -7.61 10.73
C ILE A 181 -2.48 -6.23 11.28
N ARG A 182 -3.73 -5.85 11.08
CA ARG A 182 -4.23 -4.57 11.59
C ARG A 182 -5.47 -4.73 12.44
N THR A 183 -5.62 -3.83 13.41
CA THR A 183 -6.46 -4.02 14.57
C THR A 183 -7.51 -2.88 14.73
N SER A 184 -8.46 -3.03 15.65
CA SER A 184 -9.58 -2.07 15.80
C SER A 184 -10.45 -1.98 14.56
N GLY A 185 -10.49 -3.07 13.79
CA GLY A 185 -11.22 -3.13 12.52
C GLY A 185 -10.88 -2.06 11.50
N GLU A 186 -9.74 -1.39 11.68
CA GLU A 186 -9.38 -0.28 10.80
C GLU A 186 -8.99 -0.88 9.47
N GLN A 187 -9.77 -0.58 8.45
CA GLN A 187 -9.49 -1.04 7.10
C GLN A 187 -9.00 0.14 6.26
N ARG A 188 -8.22 0.98 6.93
CA ARG A 188 -7.45 2.05 6.32
C ARG A 188 -6.10 1.40 6.00
N LEU A 189 -5.11 2.20 5.64
CA LEU A 189 -3.79 1.68 5.26
C LEU A 189 -2.62 2.30 6.05
N SER A 190 -2.66 3.63 6.19
CA SER A 190 -1.70 4.38 6.99
C SER A 190 -0.25 4.27 6.50
N GLY A 191 -0.07 3.74 5.29
CA GLY A 191 1.23 3.71 4.62
C GLY A 191 2.37 3.01 5.34
N PHE A 192 2.04 2.10 6.25
CA PHE A 192 3.04 1.35 6.99
C PHE A 192 3.72 0.37 6.03
N LEU A 193 5.05 0.41 5.98
CA LEU A 193 5.83 -0.39 5.02
C LEU A 193 5.21 -0.37 3.62
N LEU A 194 4.91 0.83 3.14
CA LEU A 194 4.28 1.06 1.84
C LEU A 194 4.91 0.30 0.65
N TRP A 195 6.21 0.48 0.43
CA TRP A 195 6.90 -0.15 -0.71
C TRP A 195 7.00 -1.67 -0.55
N GLN A 196 7.40 -2.09 0.64
CA GLN A 196 7.72 -3.49 0.90
C GLN A 196 6.45 -4.37 0.89
N SER A 197 5.32 -3.80 1.32
CA SER A 197 4.07 -4.55 1.45
C SER A 197 3.07 -4.37 0.29
N ALA A 198 3.58 -3.95 -0.88
CA ALA A 198 2.82 -3.86 -2.11
C ALA A 198 2.06 -5.15 -2.46
N TYR A 199 2.60 -6.30 -2.09
CA TYR A 199 1.97 -7.57 -2.45
C TYR A 199 1.71 -8.47 -1.23
N SER A 200 1.52 -7.86 -0.05
CA SER A 200 1.26 -8.62 1.18
C SER A 200 -0.23 -8.89 1.42
N GLU A 201 -0.52 -10.02 2.06
CA GLU A 201 -1.85 -10.31 2.57
C GLU A 201 -2.19 -9.38 3.74
N MET A 202 -3.43 -8.93 3.81
CA MET A 202 -3.87 -8.17 4.97
C MET A 202 -4.81 -9.01 5.77
N TRP A 203 -4.67 -8.96 7.09
CA TRP A 203 -5.63 -9.59 7.98
C TRP A 203 -6.11 -8.59 9.02
N PHE A 204 -7.43 -8.57 9.23
CA PHE A 204 -8.10 -7.59 10.08
C PHE A 204 -8.82 -8.23 11.26
N THR A 205 -8.86 -7.53 12.39
CA THR A 205 -9.76 -7.88 13.49
C THR A 205 -10.40 -6.64 14.13
N GLU A 206 -11.54 -6.81 14.76
CA GLU A 206 -12.26 -5.68 15.36
C GLU A 206 -11.66 -5.26 16.70
N ALA A 207 -10.96 -6.20 17.33
CA ALA A 207 -10.34 -6.04 18.64
C ALA A 207 -9.25 -4.98 18.67
N HIS A 208 -9.40 -4.00 19.54
CA HIS A 208 -8.34 -3.05 19.87
C HIS A 208 -7.04 -3.78 20.21
N TRP A 209 -5.90 -3.14 19.95
CA TRP A 209 -4.61 -3.82 20.12
C TRP A 209 -4.35 -4.45 21.52
N PRO A 210 -4.63 -3.70 22.62
CA PRO A 210 -4.37 -4.31 23.93
C PRO A 210 -5.26 -5.51 24.28
N ALA A 211 -6.18 -5.89 23.39
CA ALA A 211 -7.02 -7.07 23.60
C ALA A 211 -6.56 -8.28 22.76
N PHE A 212 -5.51 -8.11 21.97
CA PHE A 212 -5.07 -9.16 21.10
C PHE A 212 -4.67 -10.41 21.89
N ARG A 213 -5.20 -11.54 21.45
CA ARG A 213 -4.98 -12.82 22.14
C ARG A 213 -4.24 -13.82 21.25
N HIS A 214 -3.68 -14.85 21.87
CA HIS A 214 -2.96 -15.89 21.13
C HIS A 214 -3.92 -16.52 20.11
N VAL A 215 -5.21 -16.56 20.44
CA VAL A 215 -6.17 -17.24 19.56
C VAL A 215 -6.42 -16.50 18.26
N ASP A 216 -6.40 -15.17 18.31
CA ASP A 216 -6.51 -14.35 17.11
C ASP A 216 -5.28 -14.55 16.24
N PHE A 217 -4.10 -14.49 16.86
CA PHE A 217 -2.85 -14.79 16.19
C PHE A 217 -2.92 -16.16 15.47
N LEU A 218 -3.58 -17.12 16.10
CA LEU A 218 -3.78 -18.46 15.51
C LEU A 218 -4.74 -18.43 14.32
N ARG A 219 -5.78 -17.59 14.44
CA ARG A 219 -6.78 -17.37 13.40
C ARG A 219 -6.18 -16.68 12.18
N ALA A 220 -5.20 -15.81 12.42
CA ALA A 220 -4.47 -15.08 11.36
C ALA A 220 -3.56 -16.00 10.54
N LEU A 221 -2.85 -16.90 11.22
CA LEU A 221 -2.02 -17.91 10.54
C LEU A 221 -2.86 -18.96 9.81
N ARG A 222 -4.08 -19.20 10.32
CA ARG A 222 -4.99 -20.16 9.72
C ARG A 222 -5.60 -19.63 8.43
N ASP A 223 -5.95 -18.35 8.44
CA ASP A 223 -6.45 -17.65 7.26
C ASP A 223 -5.35 -17.51 6.20
N TYR A 224 -4.19 -16.95 6.59
CA TYR A 224 -3.02 -16.90 5.70
C TYR A 224 -2.75 -18.24 5.02
N SER A 225 -2.66 -19.33 5.80
CA SER A 225 -2.41 -20.67 5.24
C SER A 225 -3.46 -21.12 4.21
N ALA A 226 -4.74 -21.00 4.55
CA ALA A 226 -5.84 -21.39 3.64
C ALA A 226 -5.98 -20.51 2.38
N ARG A 227 -5.40 -19.31 2.41
CA ARG A 227 -5.27 -18.46 1.23
C ARG A 227 -4.10 -18.99 0.37
N ASP B 1 -17.87 11.72 3.35
CA ASP B 1 -19.28 11.17 3.36
C ASP B 1 -19.52 10.27 2.14
N LEU B 2 -19.26 10.83 0.96
CA LEU B 2 -19.26 10.12 -0.30
C LEU B 2 -17.79 10.05 -0.74
N PRO B 3 -17.36 8.91 -1.32
CA PRO B 3 -15.99 8.85 -1.88
C PRO B 3 -15.81 9.78 -3.07
N ARG B 4 -14.80 10.64 -2.96
CA ARG B 4 -14.40 11.60 -3.99
C ARG B 4 -13.73 10.83 -5.13
N HIS B 5 -13.10 9.71 -4.78
CA HIS B 5 -12.39 8.89 -5.73
C HIS B 5 -12.51 7.45 -5.26
N ILE B 6 -13.18 6.64 -6.07
CA ILE B 6 -13.33 5.20 -5.84
C ILE B 6 -12.39 4.43 -6.79
N ALA B 7 -11.64 3.47 -6.26
CA ALA B 7 -10.79 2.60 -7.09
C ALA B 7 -11.25 1.15 -7.00
N VAL B 8 -11.46 0.55 -8.18
CA VAL B 8 -11.99 -0.82 -8.27
C VAL B 8 -10.97 -1.75 -8.91
N LEU B 9 -10.73 -2.87 -8.23
CA LEU B 9 -9.90 -3.97 -8.73
C LEU B 9 -10.83 -5.14 -9.02
N CYS B 10 -10.75 -5.71 -10.21
CA CYS B 10 -11.72 -6.71 -10.66
C CYS B 10 -11.16 -8.12 -10.63
N ASP B 11 -11.12 -8.69 -9.43
CA ASP B 11 -10.64 -10.04 -9.21
C ASP B 11 -11.76 -11.03 -9.42
N GLY B 12 -11.41 -12.18 -9.99
CA GLY B 12 -12.31 -13.31 -10.00
C GLY B 12 -13.09 -13.50 -11.28
N ASN B 13 -12.64 -12.88 -12.36
CA ASN B 13 -13.22 -13.09 -13.69
C ASN B 13 -13.05 -14.55 -14.15
N ARG B 14 -11.85 -15.11 -14.05
CA ARG B 14 -11.62 -16.52 -14.42
C ARG B 14 -12.21 -17.47 -13.39
N ARG B 15 -11.99 -17.16 -12.10
CA ARG B 15 -12.50 -17.99 -11.00
C ARG B 15 -14.01 -18.08 -11.05
N TRP B 16 -14.66 -16.94 -11.30
CA TRP B 16 -16.12 -16.88 -11.44
C TRP B 16 -16.64 -17.79 -12.57
N ALA B 17 -15.91 -17.77 -13.69
CA ALA B 17 -16.36 -18.47 -14.88
C ALA B 17 -16.16 -19.96 -14.71
N ARG B 18 -15.13 -20.34 -13.95
CA ARG B 18 -14.88 -21.76 -13.64
C ARG B 18 -15.95 -22.32 -12.68
N SER B 19 -16.37 -21.51 -11.71
CA SER B 19 -17.46 -21.89 -10.81
C SER B 19 -18.70 -22.32 -11.58
N ALA B 20 -19.14 -21.47 -12.51
CA ALA B 20 -20.30 -21.76 -13.36
C ALA B 20 -20.02 -22.86 -14.39
N GLY B 21 -18.79 -23.36 -14.42
CA GLY B 21 -18.38 -24.43 -15.31
C GLY B 21 -18.31 -24.02 -16.77
N TYR B 22 -17.70 -22.86 -17.04
CA TYR B 22 -17.41 -22.42 -18.40
C TYR B 22 -16.02 -22.86 -18.80
N ASP B 23 -15.97 -23.84 -19.69
CA ASP B 23 -14.72 -24.40 -20.20
C ASP B 23 -13.82 -23.28 -20.73
N ASP B 24 -14.44 -22.28 -21.35
CA ASP B 24 -13.71 -21.23 -22.04
C ASP B 24 -13.62 -19.96 -21.16
N VAL B 25 -12.52 -19.84 -20.41
CA VAL B 25 -12.37 -18.87 -19.31
C VAL B 25 -12.25 -17.38 -19.71
N SER B 26 -12.07 -17.12 -21.00
CA SER B 26 -12.05 -15.76 -21.51
C SER B 26 -13.45 -15.18 -21.33
N TYR B 27 -14.43 -16.07 -21.23
CA TYR B 27 -15.81 -15.67 -21.04
C TYR B 27 -15.97 -14.80 -19.78
N GLY B 28 -15.24 -15.16 -18.73
CA GLY B 28 -15.23 -14.41 -17.49
C GLY B 28 -14.87 -12.95 -17.69
N TYR B 29 -13.93 -12.68 -18.59
CA TYR B 29 -13.51 -11.33 -18.94
C TYR B 29 -14.60 -10.53 -19.65
N ARG B 30 -15.36 -11.20 -20.52
CA ARG B 30 -16.49 -10.55 -21.17
C ARG B 30 -17.53 -10.04 -20.14
N MET B 31 -17.91 -10.91 -19.20
CA MET B 31 -18.84 -10.53 -18.12
C MET B 31 -18.26 -9.48 -17.18
N GLY B 32 -16.97 -9.60 -16.88
CA GLY B 32 -16.29 -8.59 -16.07
C GLY B 32 -16.29 -7.24 -16.76
N ALA B 33 -16.12 -7.24 -18.09
CA ALA B 33 -16.15 -6.02 -18.91
C ALA B 33 -17.52 -5.34 -18.91
N ALA B 34 -18.57 -6.14 -19.02
CA ALA B 34 -19.94 -5.66 -18.95
C ALA B 34 -20.17 -5.02 -17.59
N LYS B 35 -19.65 -5.67 -16.56
CA LYS B 35 -19.78 -5.18 -15.20
C LYS B 35 -19.06 -3.85 -14.91
N ILE B 36 -17.86 -3.67 -15.48
CA ILE B 36 -17.13 -2.42 -15.35
C ILE B 36 -17.99 -1.25 -15.82
N ALA B 37 -18.59 -1.41 -17.00
CA ALA B 37 -19.50 -0.42 -17.58
C ALA B 37 -20.65 -0.06 -16.62
N GLU B 38 -21.31 -1.08 -16.07
CA GLU B 38 -22.38 -0.87 -15.08
C GLU B 38 -21.87 -0.20 -13.80
N MET B 39 -20.69 -0.61 -13.35
CA MET B 39 -20.08 0.04 -12.18
C MET B 39 -19.86 1.54 -12.40
N LEU B 40 -19.35 1.91 -13.57
CA LEU B 40 -19.03 3.31 -13.84
C LEU B 40 -20.29 4.14 -13.88
N ARG B 41 -21.36 3.54 -14.40
CA ARG B 41 -22.68 4.12 -14.43
C ARG B 41 -23.20 4.37 -13.00
N TRP B 42 -23.07 3.38 -12.11
CA TRP B 42 -23.44 3.52 -10.70
C TRP B 42 -22.68 4.64 -10.02
N CYS B 43 -21.35 4.61 -10.17
CA CYS B 43 -20.50 5.67 -9.64
C CYS B 43 -21.01 7.02 -10.12
N HIS B 44 -21.11 7.14 -11.44
CA HIS B 44 -21.52 8.36 -12.10
C HIS B 44 -22.82 8.93 -11.51
N GLU B 45 -23.83 8.07 -11.37
CA GLU B 45 -25.12 8.52 -10.86
C GLU B 45 -25.13 8.79 -9.34
N ALA B 46 -24.22 8.14 -8.60
CA ALA B 46 -24.11 8.33 -7.17
C ALA B 46 -23.56 9.71 -6.83
N GLY B 47 -22.74 10.25 -7.73
CA GLY B 47 -22.19 11.60 -7.62
C GLY B 47 -20.72 11.60 -7.31
N ILE B 48 -20.05 10.56 -7.79
CA ILE B 48 -18.64 10.31 -7.50
C ILE B 48 -17.79 10.84 -8.64
N GLU B 49 -16.81 11.67 -8.31
CA GLU B 49 -16.11 12.47 -9.33
C GLU B 49 -15.08 11.69 -10.13
N LEU B 50 -14.47 10.70 -9.50
CA LEU B 50 -13.37 9.95 -10.08
C LEU B 50 -13.45 8.47 -9.70
N ALA B 51 -13.40 7.62 -10.73
CA ALA B 51 -13.35 6.17 -10.56
C ALA B 51 -12.12 5.65 -11.30
N THR B 52 -11.38 4.72 -10.68
CA THR B 52 -10.21 4.15 -11.34
C THR B 52 -10.41 2.62 -11.42
N VAL B 53 -10.58 2.12 -12.64
CA VAL B 53 -10.76 0.68 -12.83
C VAL B 53 -9.44 0.00 -13.19
N TYR B 54 -9.20 -1.14 -12.58
CA TYR B 54 -7.99 -1.92 -12.87
C TYR B 54 -8.29 -2.89 -14.00
N LEU B 55 -7.73 -2.56 -15.17
CA LEU B 55 -7.95 -3.29 -16.41
C LEU B 55 -6.82 -4.25 -16.72
N LEU B 56 -5.57 -3.80 -16.52
CA LEU B 56 -4.43 -4.63 -16.91
C LEU B 56 -3.15 -4.39 -16.10
N SER B 57 -2.65 -5.48 -15.53
CA SER B 57 -1.41 -5.52 -14.77
C SER B 57 -0.29 -6.19 -15.56
N THR B 58 0.95 -5.80 -15.28
CA THR B 58 2.15 -6.49 -15.77
C THR B 58 2.11 -7.99 -15.43
N GLU B 59 1.46 -8.30 -14.31
CA GLU B 59 1.09 -9.67 -13.92
C GLU B 59 0.26 -10.40 -14.97
N ASN B 60 -0.75 -9.72 -15.52
CA ASN B 60 -1.66 -10.32 -16.51
C ASN B 60 -0.98 -10.67 -17.83
N LEU B 61 0.09 -9.94 -18.12
CA LEU B 61 0.89 -10.13 -19.33
C LEU B 61 1.72 -11.43 -19.29
N GLN B 62 1.63 -12.16 -18.17
CA GLN B 62 2.32 -13.45 -18.00
C GLN B 62 1.42 -14.62 -18.43
N ARG B 63 0.21 -14.27 -18.86
CA ARG B 63 -0.77 -15.27 -19.29
C ARG B 63 -0.47 -15.78 -20.71
N ASP B 64 -1.14 -16.87 -21.11
CA ASP B 64 -0.96 -17.49 -22.42
C ASP B 64 -1.58 -16.62 -23.53
N PRO B 65 -0.81 -16.34 -24.62
CA PRO B 65 -1.20 -15.36 -25.65
C PRO B 65 -2.54 -15.62 -26.33
N ASP B 66 -2.91 -16.91 -26.42
CA ASP B 66 -4.23 -17.29 -26.93
C ASP B 66 -5.36 -16.62 -26.16
N GLU B 67 -5.15 -16.37 -24.86
CA GLU B 67 -6.11 -15.76 -23.94
C GLU B 67 -5.80 -14.29 -23.67
N LEU B 68 -4.52 -13.94 -23.79
CA LEU B 68 -4.08 -12.57 -23.56
C LEU B 68 -4.62 -11.64 -24.65
N ALA B 69 -4.66 -12.18 -25.88
CA ALA B 69 -5.19 -11.47 -27.05
C ALA B 69 -6.67 -11.19 -26.88
N ALA B 70 -7.40 -12.20 -26.39
CA ALA B 70 -8.81 -12.06 -26.11
C ALA B 70 -9.00 -10.95 -25.07
N LEU B 71 -8.28 -11.07 -23.96
CA LEU B 71 -8.26 -10.06 -22.90
C LEU B 71 -7.89 -8.63 -23.38
N ILE B 72 -6.87 -8.53 -24.23
CA ILE B 72 -6.50 -7.20 -24.77
C ILE B 72 -7.62 -6.56 -25.62
N GLU B 73 -8.27 -7.35 -26.45
CA GLU B 73 -9.38 -6.87 -27.27
C GLU B 73 -10.59 -6.46 -26.43
N ILE B 74 -10.88 -7.25 -25.40
CA ILE B 74 -11.94 -6.98 -24.44
C ILE B 74 -11.71 -5.65 -23.73
N ILE B 75 -10.51 -5.45 -23.19
CA ILE B 75 -10.08 -4.18 -22.57
C ILE B 75 -10.32 -2.98 -23.50
N THR B 76 -9.97 -3.16 -24.78
CA THR B 76 -10.14 -2.12 -25.80
C THR B 76 -11.61 -1.76 -26.12
N ASP B 77 -12.50 -2.76 -26.18
CA ASP B 77 -13.95 -2.48 -26.32
C ASP B 77 -14.43 -1.68 -25.13
N VAL B 78 -14.06 -2.14 -23.93
CA VAL B 78 -14.41 -1.47 -22.67
C VAL B 78 -14.03 0.01 -22.72
N VAL B 79 -12.78 0.29 -23.08
CA VAL B 79 -12.28 1.66 -23.16
C VAL B 79 -13.01 2.47 -24.23
N GLU B 80 -13.34 1.84 -25.34
CA GLU B 80 -14.03 2.53 -26.42
C GLU B 80 -15.48 2.87 -26.07
N GLU B 81 -16.05 2.10 -25.14
CA GLU B 81 -17.38 2.39 -24.56
C GLU B 81 -17.33 3.49 -23.49
N ILE B 82 -16.34 3.43 -22.61
CA ILE B 82 -16.10 4.47 -21.63
C ILE B 82 -15.93 5.85 -22.29
N CYS B 83 -15.26 5.86 -23.45
CA CYS B 83 -14.92 7.06 -24.20
C CYS B 83 -16.01 7.51 -25.17
N ALA B 84 -17.02 6.68 -25.37
CA ALA B 84 -18.15 7.02 -26.23
C ALA B 84 -18.62 8.44 -25.96
N PRO B 85 -18.75 9.25 -27.02
CA PRO B 85 -19.13 10.66 -26.90
C PRO B 85 -20.45 10.91 -26.17
N ALA B 86 -21.35 9.92 -26.14
CA ALA B 86 -22.64 10.05 -25.46
C ALA B 86 -22.53 10.07 -23.93
N ASN B 87 -21.46 9.49 -23.39
CA ASN B 87 -21.18 9.52 -21.95
C ASN B 87 -20.72 10.90 -21.48
N HIS B 88 -19.99 11.59 -22.36
CA HIS B 88 -19.25 12.79 -22.00
C HIS B 88 -18.53 12.61 -20.64
N TRP B 89 -17.71 11.55 -20.58
CA TRP B 89 -16.82 11.34 -19.45
C TRP B 89 -15.41 11.74 -19.88
N SER B 90 -14.65 12.27 -18.93
CA SER B 90 -13.25 12.64 -19.14
C SER B 90 -12.42 11.42 -18.79
N VAL B 91 -11.61 10.93 -19.72
CA VAL B 91 -10.90 9.65 -19.54
C VAL B 91 -9.38 9.82 -19.65
N ARG B 92 -8.64 9.15 -18.77
CA ARG B 92 -7.19 9.21 -18.74
C ARG B 92 -6.63 7.77 -18.64
N THR B 93 -5.59 7.44 -19.39
CA THR B 93 -4.93 6.14 -19.19
C THR B 93 -3.90 6.26 -18.07
N VAL B 94 -3.95 5.31 -17.14
CA VAL B 94 -2.98 5.22 -16.07
C VAL B 94 -2.17 3.94 -16.32
N GLY B 95 -0.94 4.13 -16.74
CA GLY B 95 -0.06 2.99 -17.01
C GLY B 95 0.71 3.14 -18.30
N ASP B 96 1.56 2.15 -18.58
CA ASP B 96 2.33 2.14 -19.82
C ASP B 96 1.52 1.45 -20.90
N LEU B 97 1.31 2.11 -22.04
CA LEU B 97 0.69 1.42 -23.19
C LEU B 97 1.76 0.75 -24.04
N GLY B 98 3.01 0.82 -23.60
CA GLY B 98 4.13 0.23 -24.34
C GLY B 98 4.28 -1.28 -24.19
N LEU B 99 3.39 -1.88 -23.42
CA LEU B 99 3.47 -3.29 -23.04
C LEU B 99 2.33 -4.11 -23.64
N ILE B 100 1.33 -3.41 -24.20
CA ILE B 100 0.12 -4.07 -24.69
C ILE B 100 0.12 -4.40 -26.19
N GLY B 101 1.07 -3.83 -26.94
CA GLY B 101 1.10 -4.07 -28.38
C GLY B 101 0.66 -2.87 -29.20
N GLU B 102 1.17 -2.82 -30.44
CA GLU B 102 1.05 -1.67 -31.32
C GLU B 102 -0.38 -1.28 -31.74
N GLU B 103 -1.11 -2.20 -32.37
CA GLU B 103 -2.46 -1.88 -32.85
C GLU B 103 -3.50 -1.60 -31.75
N PRO B 104 -3.48 -2.38 -30.64
CA PRO B 104 -4.42 -2.06 -29.56
C PRO B 104 -4.10 -0.74 -28.87
N ALA B 105 -2.81 -0.46 -28.65
CA ALA B 105 -2.38 0.79 -27.99
C ALA B 105 -2.86 2.00 -28.75
N ARG B 106 -2.73 1.93 -30.07
CA ARG B 106 -3.27 2.89 -31.04
C ARG B 106 -4.76 3.12 -30.87
N ARG B 107 -5.54 2.03 -30.83
CA ARG B 107 -6.98 2.11 -30.67
C ARG B 107 -7.35 2.75 -29.34
N LEU B 108 -6.59 2.40 -28.30
CA LEU B 108 -6.82 2.90 -26.94
C LEU B 108 -6.51 4.38 -26.81
N ARG B 109 -5.38 4.78 -27.36
CA ARG B 109 -4.95 6.17 -27.35
C ARG B 109 -5.92 7.06 -28.13
N GLY B 110 -6.34 6.58 -29.30
CA GLY B 110 -7.34 7.26 -30.12
C GLY B 110 -8.63 7.50 -29.36
N ALA B 111 -9.09 6.48 -28.62
CA ALA B 111 -10.33 6.58 -27.86
C ALA B 111 -10.25 7.60 -26.73
N VAL B 112 -9.20 7.51 -25.93
CA VAL B 112 -9.03 8.35 -24.74
C VAL B 112 -8.78 9.83 -25.07
N GLU B 113 -8.03 10.08 -26.15
CA GLU B 113 -7.72 11.44 -26.58
C GLU B 113 -8.92 12.21 -27.13
N SER B 114 -9.99 11.49 -27.48
CA SER B 114 -11.21 12.09 -28.01
C SER B 114 -12.14 12.60 -26.91
N THR B 115 -11.83 12.27 -25.66
CA THR B 115 -12.68 12.66 -24.53
C THR B 115 -12.37 14.10 -24.07
N PRO B 116 -13.35 14.81 -23.47
CA PRO B 116 -13.05 16.16 -22.99
C PRO B 116 -12.10 16.13 -21.80
N GLU B 117 -11.52 17.27 -21.46
CA GLU B 117 -10.68 17.39 -20.26
C GLU B 117 -11.54 17.89 -19.08
N VAL B 118 -12.40 18.86 -19.36
CA VAL B 118 -13.42 19.33 -18.40
C VAL B 118 -14.67 18.46 -18.53
N ALA B 119 -15.08 17.85 -17.41
CA ALA B 119 -16.30 17.04 -17.32
C ALA B 119 -16.76 16.96 -15.87
N SER B 120 -17.94 16.40 -15.64
CA SER B 120 -18.37 16.16 -14.27
C SER B 120 -18.11 14.72 -13.75
N PHE B 121 -17.88 13.77 -14.67
CA PHE B 121 -17.38 12.44 -14.27
C PHE B 121 -16.07 12.10 -14.97
N HIS B 122 -15.11 11.69 -14.17
CA HIS B 122 -13.79 11.30 -14.63
C HIS B 122 -13.57 9.82 -14.39
N VAL B 123 -12.95 9.15 -15.38
CA VAL B 123 -12.53 7.74 -15.28
C VAL B 123 -11.04 7.60 -15.62
N ASN B 124 -10.28 6.88 -14.79
CA ASN B 124 -8.91 6.47 -15.12
C ASN B 124 -8.88 4.99 -15.52
N VAL B 125 -8.33 4.67 -16.67
CA VAL B 125 -8.27 3.26 -17.04
C VAL B 125 -6.85 2.77 -16.81
N ALA B 126 -6.70 1.87 -15.84
CA ALA B 126 -5.38 1.36 -15.51
C ALA B 126 -4.96 0.21 -16.44
N VAL B 127 -4.11 0.51 -17.42
CA VAL B 127 -3.59 -0.46 -18.39
C VAL B 127 -2.05 -0.43 -18.44
N GLY B 128 -1.44 -1.61 -18.32
CA GLY B 128 0.03 -1.72 -18.28
C GLY B 128 0.59 -1.13 -17.00
N TYR B 129 -0.11 -1.36 -15.89
CA TYR B 129 0.19 -0.63 -14.65
C TYR B 129 0.89 -1.46 -13.59
N GLY B 130 1.98 -0.91 -13.05
CA GLY B 130 2.63 -1.41 -11.84
C GLY B 130 2.94 -0.24 -10.92
N GLY B 131 2.66 -0.43 -9.63
CA GLY B 131 2.78 0.62 -8.63
C GLY B 131 4.17 1.10 -8.26
N ARG B 132 5.12 0.18 -8.10
CA ARG B 132 6.48 0.59 -7.77
C ARG B 132 7.11 1.31 -8.95
N ARG B 133 6.86 0.84 -10.16
CA ARG B 133 7.35 1.51 -11.38
C ARG B 133 6.72 2.92 -11.61
N GLU B 134 5.44 3.09 -11.30
CA GLU B 134 4.83 4.42 -11.31
C GLU B 134 5.67 5.37 -10.47
N ILE B 135 5.99 4.95 -9.24
CA ILE B 135 6.83 5.74 -8.34
C ILE B 135 8.21 6.04 -8.96
N VAL B 136 8.86 5.03 -9.52
CA VAL B 136 10.17 5.21 -10.17
C VAL B 136 10.12 6.21 -11.32
N ASP B 137 9.09 6.15 -12.15
CA ASP B 137 8.95 7.08 -13.27
C ASP B 137 8.62 8.52 -12.82
N ALA B 138 7.89 8.64 -11.71
CA ALA B 138 7.59 9.95 -11.10
C ALA B 138 8.86 10.63 -10.58
N VAL B 139 9.81 9.83 -10.10
CA VAL B 139 11.08 10.34 -9.57
C VAL B 139 11.98 10.81 -10.72
N ARG B 140 11.99 10.06 -11.82
CA ARG B 140 12.81 10.42 -12.98
C ARG B 140 12.24 11.61 -13.72
N ALA B 141 10.91 11.66 -13.81
CA ALA B 141 10.21 12.84 -14.32
C ALA B 141 10.59 14.07 -13.49
N LEU B 142 10.45 13.96 -12.16
CA LEU B 142 10.76 15.04 -11.23
C LEU B 142 12.19 15.56 -11.43
N LEU B 143 13.12 14.62 -11.54
CA LEU B 143 14.55 14.93 -11.65
C LEU B 143 14.99 15.45 -13.03
N SER B 144 14.17 15.23 -14.06
CA SER B 144 14.45 15.79 -15.38
C SER B 144 14.01 17.24 -15.42
N LYS B 145 12.88 17.52 -14.76
CA LYS B 145 12.34 18.87 -14.68
C LYS B 145 13.30 19.78 -13.92
N GLU B 146 13.85 19.26 -12.83
CA GLU B 146 14.83 19.97 -12.02
C GLU B 146 16.12 20.21 -12.79
N LEU B 147 16.57 19.20 -13.51
CA LEU B 147 17.74 19.35 -14.39
C LEU B 147 17.48 20.36 -15.50
N ALA B 148 16.28 20.32 -16.09
CA ALA B 148 15.90 21.28 -17.14
C ALA B 148 15.93 22.73 -16.61
N ASN B 149 15.42 22.92 -15.39
CA ASN B 149 15.45 24.22 -14.71
C ASN B 149 16.85 24.66 -14.24
N GLY B 150 17.84 23.78 -14.37
CA GLY B 150 19.23 24.17 -14.15
C GLY B 150 19.87 23.71 -12.85
N ALA B 151 19.28 22.70 -12.21
CA ALA B 151 19.83 22.15 -10.99
C ALA B 151 21.12 21.39 -11.23
N THR B 152 22.10 21.61 -10.36
CA THR B 152 23.36 20.89 -10.39
C THR B 152 23.16 19.49 -9.82
N ALA B 153 24.18 18.64 -9.95
CA ALA B 153 24.12 17.25 -9.49
C ALA B 153 24.01 17.17 -7.97
N GLU B 154 24.62 18.11 -7.27
CA GLU B 154 24.54 18.20 -5.81
C GLU B 154 23.13 18.61 -5.37
N GLU B 155 22.50 19.52 -6.11
CA GLU B 155 21.14 20.03 -5.80
C GLU B 155 20.01 19.04 -6.11
N LEU B 156 20.29 18.08 -6.99
CA LEU B 156 19.30 17.05 -7.33
C LEU B 156 19.13 16.03 -6.20
N VAL B 157 20.24 15.63 -5.60
CA VAL B 157 20.27 14.70 -4.47
C VAL B 157 19.26 15.08 -3.38
N ASP B 158 18.88 16.36 -3.35
CA ASP B 158 17.95 16.90 -2.34
C ASP B 158 16.63 17.42 -2.90
N ALA B 159 16.41 17.22 -4.20
CA ALA B 159 15.25 17.77 -4.91
C ALA B 159 13.98 16.98 -4.65
N VAL B 160 14.15 15.71 -4.29
CA VAL B 160 13.05 14.77 -4.12
C VAL B 160 12.22 15.06 -2.86
N THR B 161 10.91 15.18 -3.04
CA THR B 161 9.97 15.37 -1.91
C THR B 161 8.70 14.55 -2.15
N VAL B 162 7.84 14.52 -1.13
CA VAL B 162 6.59 13.77 -1.15
C VAL B 162 5.58 14.41 -2.11
N GLU B 163 5.57 15.74 -2.15
CA GLU B 163 4.77 16.50 -3.10
C GLU B 163 5.24 16.38 -4.54
N GLY B 164 6.56 16.39 -4.74
CA GLY B 164 7.14 16.25 -6.06
C GLY B 164 6.75 14.95 -6.73
N ILE B 165 6.79 13.86 -5.98
CA ILE B 165 6.39 12.54 -6.48
C ILE B 165 4.89 12.48 -6.83
N SER B 166 4.04 12.97 -5.94
CA SER B 166 2.60 13.01 -6.24
C SER B 166 2.35 13.68 -7.61
N GLU B 167 2.94 14.88 -7.78
CA GLU B 167 2.80 15.70 -9.00
C GLU B 167 3.23 15.02 -10.29
N ASN B 168 4.03 13.97 -10.17
CA ASN B 168 4.63 13.36 -11.32
C ASN B 168 4.20 11.92 -11.51
N LEU B 169 3.19 11.51 -10.74
CA LEU B 169 2.55 10.22 -10.94
C LEU B 169 1.54 10.32 -12.09
N TYR B 170 1.11 9.18 -12.64
CA TYR B 170 0.06 9.17 -13.66
C TYR B 170 -1.22 9.92 -13.24
N THR B 171 -1.47 9.97 -11.93
CA THR B 171 -2.70 10.52 -11.36
C THR B 171 -2.52 11.98 -10.89
N SER B 172 -1.43 12.58 -11.36
CA SER B 172 -1.08 13.99 -11.17
C SER B 172 -2.26 14.97 -11.23
N GLY B 173 -2.49 15.72 -10.16
CA GLY B 173 -3.56 16.73 -10.12
C GLY B 173 -4.93 16.15 -9.80
N GLN B 174 -4.97 14.85 -9.47
CA GLN B 174 -6.22 14.18 -9.07
C GLN B 174 -6.25 13.94 -7.58
N PRO B 175 -7.45 13.77 -6.99
CA PRO B 175 -7.52 13.28 -5.61
C PRO B 175 -7.01 11.82 -5.48
N ASP B 176 -6.42 11.52 -4.33
CA ASP B 176 -6.10 10.15 -3.94
C ASP B 176 -7.38 9.36 -3.71
N PRO B 177 -7.33 8.04 -3.96
CA PRO B 177 -8.46 7.13 -3.76
C PRO B 177 -8.95 7.19 -2.33
N ASP B 178 -10.23 7.50 -2.14
CA ASP B 178 -10.83 7.51 -0.79
C ASP B 178 -11.26 6.10 -0.38
N LEU B 179 -11.76 5.34 -1.35
CA LEU B 179 -12.23 3.98 -1.14
C LEU B 179 -11.62 3.04 -2.17
N VAL B 180 -11.16 1.87 -1.72
CA VAL B 180 -10.61 0.85 -2.62
C VAL B 180 -11.37 -0.48 -2.57
N ILE B 181 -12.26 -0.65 -3.54
CA ILE B 181 -13.11 -1.83 -3.62
C ILE B 181 -12.32 -3.03 -4.18
N ARG B 182 -12.20 -4.06 -3.36
CA ARG B 182 -11.50 -5.28 -3.74
C ARG B 182 -12.47 -6.45 -3.59
N THR B 183 -12.39 -7.37 -4.53
CA THR B 183 -13.46 -8.32 -4.71
C THR B 183 -12.93 -9.76 -4.72
N SER B 184 -13.81 -10.73 -4.94
CA SER B 184 -13.47 -12.15 -4.97
C SER B 184 -12.80 -12.65 -3.67
N GLY B 185 -13.14 -12.00 -2.56
CA GLY B 185 -12.57 -12.34 -1.26
C GLY B 185 -11.07 -12.10 -1.11
N GLU B 186 -10.46 -11.47 -2.11
CA GLU B 186 -9.04 -11.14 -2.10
C GLU B 186 -8.72 -10.08 -1.05
N GLN B 187 -7.80 -10.38 -0.14
CA GLN B 187 -7.28 -9.38 0.80
C GLN B 187 -5.79 -9.17 0.59
N ARG B 188 -5.37 -9.18 -0.67
CA ARG B 188 -3.99 -8.97 -1.09
C ARG B 188 -3.95 -7.63 -1.81
N LEU B 189 -2.74 -7.12 -2.04
CA LEU B 189 -2.60 -5.69 -2.39
C LEU B 189 -2.42 -5.31 -3.87
N SER B 190 -1.60 -6.07 -4.59
CA SER B 190 -1.37 -5.84 -6.02
C SER B 190 -0.51 -4.59 -6.32
N GLY B 191 -0.20 -3.80 -5.31
CA GLY B 191 0.49 -2.52 -5.52
C GLY B 191 -0.24 -1.62 -6.50
N PHE B 192 -1.57 -1.73 -6.52
CA PHE B 192 -2.39 -0.88 -7.35
C PHE B 192 -2.47 0.50 -6.71
N LEU B 193 -2.27 1.55 -7.51
CA LEU B 193 -2.17 2.93 -7.00
C LEU B 193 -1.45 2.93 -5.66
N LEU B 194 -0.24 2.38 -5.70
CA LEU B 194 0.53 2.09 -4.52
C LEU B 194 0.76 3.32 -3.68
N TRP B 195 1.31 4.38 -4.28
CA TRP B 195 1.63 5.59 -3.54
C TRP B 195 0.37 6.33 -3.10
N GLN B 196 -0.56 6.53 -4.02
CA GLN B 196 -1.76 7.37 -3.79
C GLN B 196 -2.71 6.73 -2.79
N SER B 197 -2.77 5.40 -2.78
CA SER B 197 -3.70 4.67 -1.91
C SER B 197 -3.14 4.31 -0.52
N ALA B 198 -1.99 4.88 -0.16
CA ALA B 198 -1.39 4.74 1.18
C ALA B 198 -2.33 4.94 2.38
N TYR B 199 -3.42 5.67 2.19
CA TYR B 199 -4.31 5.98 3.31
C TYR B 199 -5.79 5.75 2.99
N SER B 200 -6.05 5.06 1.88
CA SER B 200 -7.42 4.74 1.43
C SER B 200 -8.11 3.73 2.33
N GLU B 201 -9.44 3.77 2.33
CA GLU B 201 -10.23 2.75 2.98
C GLU B 201 -10.31 1.56 2.05
N MET B 202 -9.95 0.39 2.55
CA MET B 202 -10.22 -0.87 1.90
C MET B 202 -11.62 -1.39 2.18
N TRP B 203 -12.28 -1.88 1.14
CA TRP B 203 -13.55 -2.57 1.26
C TRP B 203 -13.48 -3.87 0.47
N PHE B 204 -13.92 -4.96 1.10
CA PHE B 204 -13.83 -6.28 0.50
C PHE B 204 -15.20 -6.93 0.43
N THR B 205 -15.42 -7.68 -0.65
CA THR B 205 -16.56 -8.58 -0.79
C THR B 205 -16.10 -9.95 -1.26
N GLU B 206 -16.87 -10.98 -0.94
CA GLU B 206 -16.53 -12.34 -1.38
C GLU B 206 -16.87 -12.57 -2.85
N ALA B 207 -17.92 -11.88 -3.32
CA ALA B 207 -18.39 -11.99 -4.71
C ALA B 207 -17.26 -11.74 -5.72
N HIS B 208 -17.20 -12.61 -6.74
CA HIS B 208 -16.26 -12.45 -7.85
C HIS B 208 -16.76 -11.30 -8.69
N TRP B 209 -15.85 -10.60 -9.37
CA TRP B 209 -16.19 -9.37 -10.08
C TRP B 209 -17.41 -9.42 -11.04
N PRO B 210 -17.48 -10.46 -11.93
CA PRO B 210 -18.61 -10.61 -12.86
C PRO B 210 -19.97 -10.79 -12.15
N ALA B 211 -19.92 -11.09 -10.84
CA ALA B 211 -21.11 -11.28 -10.02
C ALA B 211 -21.39 -10.05 -9.11
N PHE B 212 -20.55 -9.02 -9.20
CA PHE B 212 -20.76 -7.77 -8.45
C PHE B 212 -22.07 -7.08 -8.86
N ARG B 213 -22.85 -6.70 -7.87
CA ARG B 213 -24.17 -6.13 -8.14
C ARG B 213 -24.30 -4.78 -7.46
N HIS B 214 -25.27 -4.00 -7.93
CA HIS B 214 -25.57 -2.68 -7.38
C HIS B 214 -25.81 -2.71 -5.88
N VAL B 215 -26.43 -3.78 -5.39
CA VAL B 215 -26.67 -3.95 -3.94
C VAL B 215 -25.34 -4.02 -3.14
N ASP B 216 -24.32 -4.65 -3.74
CA ASP B 216 -22.96 -4.70 -3.19
C ASP B 216 -22.25 -3.32 -3.17
N PHE B 217 -22.47 -2.55 -4.23
CA PHE B 217 -21.97 -1.17 -4.37
C PHE B 217 -22.54 -0.22 -3.30
N LEU B 218 -23.84 -0.31 -3.06
CA LEU B 218 -24.50 0.41 -1.96
C LEU B 218 -24.04 -0.04 -0.58
N ARG B 219 -23.70 -1.32 -0.47
CA ARG B 219 -23.12 -1.84 0.77
C ARG B 219 -21.76 -1.19 0.97
N ALA B 220 -20.96 -1.18 -0.09
CA ALA B 220 -19.65 -0.54 -0.06
C ALA B 220 -19.72 0.92 0.41
N LEU B 221 -20.65 1.70 -0.14
CA LEU B 221 -20.80 3.13 0.17
C LEU B 221 -21.26 3.37 1.60
N ARG B 222 -22.19 2.55 2.06
CA ARG B 222 -22.69 2.57 3.45
C ARG B 222 -21.58 2.26 4.44
N ASP B 223 -20.80 1.21 4.15
CA ASP B 223 -19.67 0.80 4.99
C ASP B 223 -18.61 1.90 5.07
N TYR B 224 -18.36 2.59 3.95
CA TYR B 224 -17.43 3.71 3.89
C TYR B 224 -17.96 4.85 4.75
N SER B 225 -19.24 5.15 4.60
CA SER B 225 -19.93 6.19 5.34
C SER B 225 -19.89 5.93 6.86
N ALA B 226 -20.07 4.66 7.24
CA ALA B 226 -20.12 4.22 8.63
C ALA B 226 -18.74 4.05 9.30
N ARG B 227 -17.67 4.35 8.58
CA ARG B 227 -16.34 4.31 9.16
C ARG B 227 -15.84 5.71 9.55
S SO4 C . -6.19 4.77 19.21
O1 SO4 C . -5.02 4.73 20.08
O2 SO4 C . -7.32 4.06 19.79
O3 SO4 C . -6.55 6.17 18.98
O4 SO4 C . -5.84 4.13 17.94
S SO4 D . -8.92 -14.51 -11.65
O1 SO4 D . -8.74 -14.13 -13.04
O2 SO4 D . -10.11 -15.34 -11.50
O3 SO4 D . -7.77 -15.27 -11.20
O4 SO4 D . -9.05 -13.29 -10.87
#